data_7S3B
#
_entry.id   7S3B
#
_cell.length_a   43.668
_cell.length_b   57.839
_cell.length_c   76.938
_cell.angle_alpha   90.000
_cell.angle_beta   90.000
_cell.angle_gamma   90.000
#
_symmetry.space_group_name_H-M   'P 21 21 21'
#
loop_
_entity.id
_entity.type
_entity.pdbx_description
1 polymer 'Splicing factor U2AF 65 kDa subunit'
2 polymer "DNA/RNA (5'-R(P*UP*UP*(UD)P*GP*U)-D(P*(BRU))-R(P*CP*C)-3')"
3 non-polymer DI(HYDROXYETHYL)ETHER
4 water water
#
loop_
_entity_poly.entity_id
_entity_poly.type
_entity_poly.pdbx_seq_one_letter_code
_entity_poly.pdbx_strand_id
1 'polypeptide(L)'
;GPLGSQMTRQARRLYVGNIPFGITEEAMMDFFNAQMRLGGLTQAPGNPVLAVQINQDKNFAFLEFRSVDETTQAMAFDGI
IFQGQSLKIRRPHDYQPLPGMSENPSVYVPGVVSTVVPDSAHKLFIGGLPNYLNDDQVKELLTSFGPLKAFNLVKDSATG
LSKGYAFCEYVDINVTDQAIAGLNGMQLGDKKLLVQRASVGAKN
;
A
2 'polydeoxyribonucleotide/polyribonucleotide hybrid' UU(DU)GU(BRU)CC B
#
loop_
_chem_comp.id
_chem_comp.type
_chem_comp.name
_chem_comp.formula
BRU DNA linking 5-BROMO-2'-DEOXYURIDINE-5'-MONOPHOSPHATE 'C9 H12 Br N2 O8 P'
C RNA linking CYTIDINE-5'-MONOPHOSPHATE 'C9 H14 N3 O8 P'
DU DNA linking 2'-DEOXYURIDINE-5'-MONOPHOSPHATE 'C9 H13 N2 O8 P'
G RNA linking GUANOSINE-5'-MONOPHOSPHATE 'C10 H14 N5 O8 P'
PEG non-polymer DI(HYDROXYETHYL)ETHER 'C4 H10 O3'
U RNA linking URIDINE-5'-MONOPHOSPHATE 'C9 H13 N2 O9 P'
#
# COMPACT_ATOMS: atom_id res chain seq x y z
N GLY A 4 -17.82 -15.72 13.31
CA GLY A 4 -16.75 -16.36 14.07
C GLY A 4 -16.78 -15.99 15.53
N SER A 5 -15.75 -16.38 16.27
CA SER A 5 -15.74 -16.12 17.70
C SER A 5 -15.66 -14.62 17.99
N GLN A 6 -16.58 -14.16 18.85
CA GLN A 6 -16.54 -12.77 19.30
C GLN A 6 -15.25 -12.43 20.02
N MET A 7 -14.59 -13.43 20.64
CA MET A 7 -13.42 -13.13 21.46
C MET A 7 -12.23 -12.72 20.61
N THR A 8 -12.12 -13.26 19.38
CA THR A 8 -10.99 -12.99 18.50
C THR A 8 -11.35 -12.05 17.37
N ARG A 9 -12.56 -11.50 17.37
CA ARG A 9 -13.00 -10.65 16.27
C ARG A 9 -11.99 -9.56 15.96
N GLN A 10 -11.48 -8.89 17.00
CA GLN A 10 -10.54 -7.80 16.77
C GLN A 10 -9.24 -8.27 16.16
N ALA A 11 -8.88 -9.55 16.33
CA ALA A 11 -7.69 -10.11 15.74
C ALA A 11 -7.98 -10.82 14.43
N ARG A 12 -9.21 -10.68 13.90
CA ARG A 12 -9.58 -11.28 12.62
C ARG A 12 -10.12 -10.24 11.65
N ARG A 13 -9.81 -8.97 11.84
CA ARG A 13 -10.29 -7.92 10.96
C ARG A 13 -9.14 -6.96 10.65
N LEU A 14 -9.17 -6.44 9.42
CA LEU A 14 -8.18 -5.48 8.98
C LEU A 14 -8.84 -4.29 8.30
N TYR A 15 -8.23 -3.12 8.49
CA TYR A 15 -8.56 -1.92 7.73
C TYR A 15 -7.85 -1.97 6.38
N VAL A 16 -8.59 -1.71 5.31
CA VAL A 16 -8.01 -1.63 3.96
C VAL A 16 -8.40 -0.29 3.36
N GLY A 17 -7.41 0.61 3.25
CA GLY A 17 -7.63 1.92 2.70
C GLY A 17 -7.15 2.05 1.27
N ASN A 18 -7.50 3.19 0.66
CA ASN A 18 -7.07 3.52 -0.70
C ASN A 18 -7.67 2.55 -1.72
N ILE A 19 -8.90 2.12 -1.48
CA ILE A 19 -9.55 1.13 -2.35
C ILE A 19 -9.95 1.83 -3.65
N PRO A 20 -10.05 1.11 -4.76
CA PRO A 20 -10.40 1.76 -6.03
C PRO A 20 -11.84 2.26 -6.00
N PHE A 21 -12.04 3.45 -6.56
CA PHE A 21 -13.37 4.04 -6.61
C PHE A 21 -14.35 3.10 -7.27
N GLY A 22 -15.53 2.95 -6.66
CA GLY A 22 -16.60 2.16 -7.25
C GLY A 22 -16.52 0.67 -7.00
N ILE A 23 -15.47 0.19 -6.34
CA ILE A 23 -15.31 -1.24 -6.13
C ILE A 23 -16.44 -1.76 -5.25
N THR A 24 -16.95 -2.94 -5.58
CA THR A 24 -17.99 -3.56 -4.77
C THR A 24 -17.37 -4.41 -3.67
N GLU A 25 -18.16 -4.65 -2.61
CA GLU A 25 -17.70 -5.54 -1.56
C GLU A 25 -17.43 -6.94 -2.10
N GLU A 26 -18.22 -7.39 -3.07
CA GLU A 26 -17.99 -8.71 -3.67
C GLU A 26 -16.68 -8.75 -4.44
N ALA A 27 -16.38 -7.70 -5.20
CA ALA A 27 -15.10 -7.64 -5.90
C ALA A 27 -13.94 -7.66 -4.91
N MET A 28 -14.03 -6.85 -3.86
CA MET A 28 -12.97 -6.83 -2.87
C MET A 28 -12.74 -8.21 -2.27
N MET A 29 -13.83 -8.89 -1.90
CA MET A 29 -13.72 -10.20 -1.26
C MET A 29 -13.09 -11.22 -2.22
N ASP A 30 -13.54 -11.24 -3.47
CA ASP A 30 -12.97 -12.17 -4.44
C ASP A 30 -11.50 -11.88 -4.68
N PHE A 31 -11.13 -10.60 -4.75
CA PHE A 31 -9.74 -10.24 -4.98
C PHE A 31 -8.85 -10.77 -3.86
N PHE A 32 -9.18 -10.46 -2.61
CA PHE A 32 -8.35 -10.92 -1.50
C PHE A 32 -8.35 -12.44 -1.40
N ASN A 33 -9.51 -13.08 -1.55
CA ASN A 33 -9.53 -14.53 -1.48
C ASN A 33 -8.69 -15.15 -2.59
N ALA A 34 -8.78 -14.60 -3.81
CA ALA A 34 -7.96 -15.10 -4.89
C ALA A 34 -6.49 -14.88 -4.61
N GLN A 35 -6.13 -13.66 -4.22
CA GLN A 35 -4.71 -13.33 -4.02
C GLN A 35 -4.10 -14.19 -2.93
N MET A 36 -4.82 -14.41 -1.83
CA MET A 36 -4.26 -15.20 -0.75
C MET A 36 -4.11 -16.66 -1.16
N ARG A 37 -5.12 -17.21 -1.82
CA ARG A 37 -5.05 -18.60 -2.25
C ARG A 37 -3.98 -18.80 -3.31
N LEU A 38 -3.96 -17.94 -4.33
CA LEU A 38 -2.96 -18.09 -5.38
C LEU A 38 -1.55 -17.88 -4.84
N GLY A 39 -1.41 -17.13 -3.75
CA GLY A 39 -0.13 -16.86 -3.14
C GLY A 39 0.29 -17.81 -2.05
N GLY A 40 -0.54 -18.82 -1.76
CA GLY A 40 -0.22 -19.74 -0.69
C GLY A 40 -0.26 -19.12 0.69
N LEU A 41 -1.08 -18.08 0.88
CA LEU A 41 -1.22 -17.41 2.16
C LEU A 41 -2.32 -18.00 3.03
N THR A 42 -2.75 -19.23 2.75
CA THR A 42 -3.85 -19.85 3.46
C THR A 42 -3.35 -21.04 4.26
N GLN A 43 -4.05 -21.35 5.36
CA GLN A 43 -3.67 -22.45 6.24
C GLN A 43 -4.59 -23.65 6.11
N ALA A 44 -5.60 -23.58 5.25
CA ALA A 44 -6.55 -24.67 5.06
C ALA A 44 -7.31 -24.42 3.77
N PRO A 45 -8.01 -25.42 3.24
CA PRO A 45 -8.80 -25.19 2.02
C PRO A 45 -9.91 -24.18 2.28
N GLY A 46 -10.28 -23.46 1.23
CA GLY A 46 -11.39 -22.54 1.29
C GLY A 46 -10.93 -21.09 1.32
N ASN A 47 -11.89 -20.21 1.58
CA ASN A 47 -11.65 -18.78 1.48
C ASN A 47 -11.34 -18.19 2.84
N PRO A 48 -10.20 -17.50 3.00
CA PRO A 48 -9.90 -16.92 4.32
C PRO A 48 -10.76 -15.71 4.66
N VAL A 49 -11.25 -14.97 3.67
CA VAL A 49 -12.01 -13.75 3.91
C VAL A 49 -13.49 -14.09 4.01
N LEU A 50 -14.12 -13.72 5.12
CA LEU A 50 -15.52 -14.02 5.37
C LEU A 50 -16.46 -12.87 5.03
N ALA A 51 -16.01 -11.62 5.15
CA ALA A 51 -16.89 -10.49 4.94
C ALA A 51 -16.07 -9.26 4.60
N VAL A 52 -16.70 -8.34 3.88
CA VAL A 52 -16.13 -7.04 3.53
C VAL A 52 -17.20 -5.99 3.78
N GLN A 53 -16.84 -4.94 4.52
CA GLN A 53 -17.72 -3.79 4.74
C GLN A 53 -17.01 -2.55 4.21
N ILE A 54 -17.54 -1.98 3.13
CA ILE A 54 -16.94 -0.81 2.48
C ILE A 54 -17.62 0.44 2.99
N ASN A 55 -16.81 1.45 3.35
CA ASN A 55 -17.31 2.80 3.59
C ASN A 55 -17.14 3.56 2.28
N GLN A 56 -18.24 3.76 1.56
CA GLN A 56 -18.17 4.35 0.23
C GLN A 56 -17.62 5.77 0.29
N ASP A 57 -17.99 6.53 1.31
CA ASP A 57 -17.64 7.94 1.35
C ASP A 57 -16.15 8.17 1.58
N LYS A 58 -15.48 7.25 2.27
CA LYS A 58 -14.09 7.45 2.66
C LYS A 58 -13.12 6.50 1.97
N ASN A 59 -13.60 5.64 1.08
CA ASN A 59 -12.74 4.77 0.29
C ASN A 59 -11.91 3.82 1.16
N PHE A 60 -12.53 3.25 2.18
CA PHE A 60 -11.88 2.19 2.94
C PHE A 60 -12.85 1.05 3.15
N ALA A 61 -12.29 -0.10 3.54
CA ALA A 61 -13.07 -1.28 3.84
C ALA A 61 -12.50 -1.92 5.11
N PHE A 62 -13.34 -2.65 5.81
CA PHE A 62 -12.88 -3.59 6.82
C PHE A 62 -13.16 -5.00 6.31
N LEU A 63 -12.13 -5.83 6.33
CA LEU A 63 -12.23 -7.24 5.98
C LEU A 63 -12.27 -8.05 7.26
N GLU A 64 -13.10 -9.09 7.29
CA GLU A 64 -13.11 -10.04 8.39
C GLU A 64 -12.64 -11.39 7.86
N PHE A 65 -11.76 -12.04 8.61
CA PHE A 65 -11.13 -13.28 8.23
C PHE A 65 -11.60 -14.42 9.12
N ARG A 66 -11.43 -15.64 8.63
CA ARG A 66 -11.89 -16.79 9.39
C ARG A 66 -10.92 -17.21 10.49
N SER A 67 -9.69 -16.70 10.50
CA SER A 67 -8.75 -17.13 11.52
C SER A 67 -7.78 -16.01 11.86
N VAL A 68 -7.22 -16.10 13.06
CA VAL A 68 -6.24 -15.12 13.52
C VAL A 68 -4.97 -15.19 12.67
N ASP A 69 -4.49 -16.41 12.41
CA ASP A 69 -3.21 -16.56 11.70
C ASP A 69 -3.31 -16.05 10.26
N GLU A 70 -4.44 -16.28 9.60
CA GLU A 70 -4.59 -15.80 8.23
C GLU A 70 -4.76 -14.29 8.18
N THR A 71 -5.40 -13.71 9.21
CA THR A 71 -5.44 -12.26 9.32
C THR A 71 -4.03 -11.67 9.38
N THR A 72 -3.20 -12.21 10.27
CA THR A 72 -1.82 -11.76 10.38
C THR A 72 -1.08 -11.89 9.04
N GLN A 73 -1.30 -13.00 8.34
CA GLN A 73 -0.66 -13.17 7.04
C GLN A 73 -1.13 -12.11 6.04
N ALA A 74 -2.41 -11.74 6.13
CA ALA A 74 -2.97 -10.74 5.21
C ALA A 74 -2.26 -9.40 5.34
N MET A 75 -1.72 -9.10 6.52
CA MET A 75 -0.96 -7.86 6.68
C MET A 75 0.19 -7.77 5.69
N ALA A 76 0.73 -8.91 5.27
CA ALA A 76 1.83 -8.91 4.30
C ALA A 76 1.41 -8.45 2.92
N PHE A 77 0.10 -8.32 2.66
CA PHE A 77 -0.38 -7.78 1.39
C PHE A 77 -0.44 -6.26 1.41
N ASP A 78 -0.05 -5.60 2.49
CA ASP A 78 -0.03 -4.15 2.51
C ASP A 78 0.76 -3.63 1.33
N GLY A 79 0.11 -2.83 0.49
CA GLY A 79 0.73 -2.29 -0.69
C GLY A 79 0.40 -3.04 -1.96
N ILE A 80 -0.29 -4.18 -1.87
CA ILE A 80 -0.69 -4.89 -3.07
C ILE A 80 -1.45 -3.95 -3.97
N ILE A 81 -1.21 -4.08 -5.28
CA ILE A 81 -1.86 -3.24 -6.27
C ILE A 81 -3.20 -3.87 -6.63
N PHE A 82 -4.25 -3.05 -6.63
CA PHE A 82 -5.60 -3.47 -6.98
C PHE A 82 -6.17 -2.37 -7.85
N GLN A 83 -6.38 -2.64 -9.14
CA GLN A 83 -6.90 -1.66 -10.07
C GLN A 83 -6.10 -0.36 -9.99
N GLY A 84 -4.78 -0.48 -10.03
CA GLY A 84 -3.91 0.67 -10.04
C GLY A 84 -3.67 1.30 -8.68
N GLN A 85 -4.30 0.82 -7.62
CA GLN A 85 -4.23 1.41 -6.30
C GLN A 85 -3.38 0.55 -5.36
N SER A 86 -2.51 1.20 -4.59
CA SER A 86 -1.76 0.52 -3.54
C SER A 86 -2.66 0.40 -2.32
N LEU A 87 -3.11 -0.81 -2.02
CA LEU A 87 -3.99 -0.99 -0.86
C LEU A 87 -3.21 -0.79 0.43
N LYS A 88 -3.77 0.03 1.33
CA LYS A 88 -3.18 0.34 2.63
C LYS A 88 -3.84 -0.56 3.67
N ILE A 89 -3.12 -1.61 4.08
CA ILE A 89 -3.65 -2.60 5.01
C ILE A 89 -3.05 -2.35 6.38
N ARG A 90 -3.92 -2.22 7.39
CA ARG A 90 -3.51 -1.89 8.74
C ARG A 90 -4.38 -2.64 9.75
N ARG A 91 -3.85 -2.80 10.96
CA ARG A 91 -4.65 -3.32 12.04
C ARG A 91 -5.74 -2.32 12.42
N PRO A 92 -6.88 -2.80 12.93
CA PRO A 92 -7.83 -1.87 13.55
C PRO A 92 -7.14 -1.13 14.68
N HIS A 93 -7.48 0.15 14.84
CA HIS A 93 -6.86 0.93 15.91
C HIS A 93 -7.13 0.31 17.27
N ASP A 94 -8.24 -0.41 17.44
CA ASP A 94 -8.57 -1.03 18.71
C ASP A 94 -8.05 -2.47 18.82
N TYR A 95 -7.09 -2.86 17.98
CA TYR A 95 -6.45 -4.17 18.08
C TYR A 95 -5.24 -4.08 18.99
N GLN A 96 -5.14 -5.03 19.92
CA GLN A 96 -4.02 -5.11 20.83
C GLN A 96 -3.56 -6.56 20.95
N PRO A 97 -2.33 -6.89 20.51
CA PRO A 97 -1.87 -8.28 20.54
C PRO A 97 -2.07 -8.97 21.88
N GLU A 103 1.57 -11.39 15.62
CA GLU A 103 1.01 -10.16 15.04
C GLU A 103 1.79 -9.72 13.80
N ASN A 104 2.93 -10.38 13.54
CA ASN A 104 3.78 -10.07 12.41
C ASN A 104 3.78 -11.22 11.43
N PRO A 105 3.42 -11.00 10.16
CA PRO A 105 3.41 -12.12 9.20
C PRO A 105 4.73 -12.87 9.19
N SER A 106 4.65 -14.19 8.98
CA SER A 106 5.79 -15.07 8.91
C SER A 106 6.15 -15.46 7.48
N VAL A 107 5.64 -14.72 6.50
CA VAL A 107 5.89 -15.02 5.10
C VAL A 107 5.73 -13.73 4.29
N TYR A 108 6.75 -13.40 3.49
CA TYR A 108 6.73 -12.24 2.62
C TYR A 108 6.36 -12.67 1.21
N VAL A 109 5.65 -11.80 0.51
CA VAL A 109 5.08 -12.11 -0.80
C VAL A 109 5.84 -11.32 -1.86
N PRO A 110 6.32 -11.96 -2.92
CA PRO A 110 7.01 -11.21 -3.97
C PRO A 110 6.08 -10.18 -4.63
N GLY A 111 6.68 -9.09 -5.09
CA GLY A 111 5.94 -8.10 -5.84
C GLY A 111 5.02 -7.22 -5.04
N VAL A 112 5.08 -7.27 -3.71
CA VAL A 112 4.30 -6.38 -2.85
C VAL A 112 5.26 -5.43 -2.16
N VAL A 113 4.98 -4.13 -2.26
CA VAL A 113 5.78 -3.08 -1.64
C VAL A 113 4.97 -2.41 -0.56
N SER A 114 5.48 -2.44 0.67
CA SER A 114 4.79 -1.85 1.82
C SER A 114 4.42 -0.39 1.55
N THR A 115 3.31 0.03 2.14
CA THR A 115 2.91 1.44 2.10
C THR A 115 3.33 2.19 3.36
N VAL A 116 4.03 1.53 4.28
CA VAL A 116 4.56 2.15 5.48
C VAL A 116 5.96 2.67 5.13
N VAL A 117 6.12 3.99 5.12
CA VAL A 117 7.41 4.59 4.78
C VAL A 117 7.91 5.39 5.98
N PRO A 118 8.59 4.76 6.93
CA PRO A 118 9.03 5.51 8.12
C PRO A 118 10.09 6.54 7.78
N ASP A 119 10.03 7.68 8.47
CA ASP A 119 11.13 8.64 8.42
C ASP A 119 12.44 7.91 8.66
N SER A 120 13.45 8.23 7.86
CA SER A 120 14.74 7.56 7.93
C SER A 120 15.70 8.30 7.03
N ALA A 121 16.98 7.92 7.09
CA ALA A 121 18.01 8.69 6.39
C ALA A 121 17.76 8.71 4.88
N HIS A 122 17.31 7.60 4.31
CA HIS A 122 17.21 7.48 2.86
C HIS A 122 15.78 7.47 2.35
N LYS A 123 14.81 7.77 3.21
CA LYS A 123 13.46 8.05 2.73
C LYS A 123 13.49 9.22 1.76
N LEU A 124 12.84 9.04 0.62
CA LEU A 124 12.82 10.06 -0.42
C LEU A 124 11.46 10.76 -0.47
N PHE A 125 11.49 12.05 -0.78
CA PHE A 125 10.32 12.82 -1.17
C PHE A 125 10.35 13.01 -2.67
N ILE A 126 9.22 12.79 -3.32
CA ILE A 126 9.06 12.98 -4.76
C ILE A 126 7.90 13.95 -4.95
N GLY A 127 8.19 15.17 -5.37
CA GLY A 127 7.20 16.19 -5.58
C GLY A 127 7.04 16.52 -7.06
N GLY A 128 5.94 17.20 -7.36
CA GLY A 128 5.68 17.61 -8.73
C GLY A 128 5.16 16.53 -9.65
N LEU A 129 4.61 15.46 -9.10
CA LEU A 129 4.05 14.42 -9.95
C LEU A 129 2.72 14.90 -10.56
N PRO A 130 2.48 14.63 -11.84
CA PRO A 130 1.14 14.90 -12.39
C PRO A 130 0.08 14.13 -11.62
N ASN A 131 -1.04 14.81 -11.36
CA ASN A 131 -2.05 14.23 -10.47
C ASN A 131 -2.85 13.12 -11.12
N TYR A 132 -2.69 12.87 -12.42
CA TYR A 132 -3.43 11.80 -13.07
C TYR A 132 -2.76 10.45 -12.97
N LEU A 133 -1.52 10.39 -12.48
CA LEU A 133 -0.83 9.11 -12.36
C LEU A 133 -1.32 8.36 -11.12
N ASN A 134 -1.57 7.05 -11.28
CA ASN A 134 -1.99 6.24 -10.15
C ASN A 134 -0.76 5.65 -9.45
N ASP A 135 -0.99 4.95 -8.34
CA ASP A 135 0.10 4.39 -7.54
C ASP A 135 1.00 3.51 -8.39
N ASP A 136 0.40 2.58 -9.14
CA ASP A 136 1.19 1.65 -9.95
C ASP A 136 2.10 2.39 -10.93
N GLN A 137 1.59 3.48 -11.51
CA GLN A 137 2.36 4.21 -12.51
C GLN A 137 3.52 4.98 -11.88
N VAL A 138 3.26 5.69 -10.79
CA VAL A 138 4.37 6.35 -10.10
C VAL A 138 5.38 5.32 -9.63
N LYS A 139 4.90 4.19 -9.11
CA LYS A 139 5.80 3.13 -8.62
C LYS A 139 6.65 2.56 -9.74
N GLU A 140 6.05 2.37 -10.92
CA GLU A 140 6.84 1.91 -12.06
C GLU A 140 7.92 2.92 -12.42
N LEU A 141 7.60 4.21 -12.36
CA LEU A 141 8.60 5.23 -12.61
C LEU A 141 9.78 5.10 -11.65
N LEU A 142 9.49 4.91 -10.36
CA LEU A 142 10.56 4.85 -9.37
C LEU A 142 11.33 3.54 -9.46
N THR A 143 10.64 2.44 -9.74
CA THR A 143 11.32 1.14 -9.79
CA THR A 143 11.29 1.13 -9.82
C THR A 143 12.25 1.03 -10.99
N SER A 144 12.27 2.02 -11.89
CA SER A 144 13.24 2.02 -12.97
C SER A 144 14.67 2.01 -12.42
N PHE A 145 14.89 2.58 -11.24
CA PHE A 145 16.22 2.64 -10.67
C PHE A 145 16.56 1.44 -9.79
N GLY A 146 15.55 0.74 -9.28
CA GLY A 146 15.75 -0.40 -8.43
C GLY A 146 14.49 -0.76 -7.68
N PRO A 147 14.44 -1.95 -7.08
CA PRO A 147 13.24 -2.35 -6.34
C PRO A 147 13.03 -1.49 -5.12
N LEU A 148 11.76 -1.23 -4.82
CA LEU A 148 11.37 -0.43 -3.67
C LEU A 148 11.11 -1.30 -2.44
N LYS A 149 11.47 -0.77 -1.27
CA LYS A 149 11.09 -1.36 0.01
C LYS A 149 9.78 -0.81 0.53
N ALA A 150 9.46 0.45 0.22
CA ALA A 150 8.24 1.06 0.71
C ALA A 150 7.89 2.25 -0.19
N PHE A 151 6.61 2.58 -0.27
CA PHE A 151 6.15 3.63 -1.16
C PHE A 151 4.73 4.03 -0.77
N ASN A 152 4.48 5.34 -0.75
CA ASN A 152 3.11 5.82 -0.61
C ASN A 152 2.91 7.10 -1.41
N LEU A 153 1.91 7.07 -2.29
CA LEU A 153 1.47 8.25 -3.03
C LEU A 153 0.43 8.95 -2.18
N VAL A 154 0.64 10.22 -1.89
CA VAL A 154 -0.25 10.95 -1.00
C VAL A 154 -1.54 11.28 -1.72
N LYS A 155 -2.66 11.05 -1.06
CA LYS A 155 -3.99 11.19 -1.65
C LYS A 155 -4.77 12.27 -0.92
N ASP A 156 -5.68 12.92 -1.65
CA ASP A 156 -6.62 13.84 -1.03
C ASP A 156 -7.50 13.09 -0.05
N SER A 157 -7.43 13.47 1.23
CA SER A 157 -8.22 12.82 2.28
C SER A 157 -9.71 13.04 2.14
N ALA A 158 -10.15 13.80 1.13
CA ALA A 158 -11.57 14.02 0.85
C ALA A 158 -12.05 13.23 -0.36
N THR A 159 -11.23 13.14 -1.41
CA THR A 159 -11.61 12.48 -2.64
C THR A 159 -10.81 11.22 -2.94
N GLY A 160 -9.76 10.95 -2.17
CA GLY A 160 -8.89 9.83 -2.48
C GLY A 160 -8.07 9.98 -3.74
N LEU A 161 -7.97 11.18 -4.30
CA LEU A 161 -7.21 11.43 -5.50
C LEU A 161 -5.79 11.91 -5.15
N SER A 162 -4.88 11.76 -6.11
CA SER A 162 -3.48 12.07 -5.86
C SER A 162 -3.28 13.55 -5.60
N LYS A 163 -2.39 13.86 -4.66
CA LYS A 163 -2.03 15.23 -4.33
C LYS A 163 -0.76 15.67 -5.07
N GLY A 164 -0.19 14.78 -5.88
CA GLY A 164 0.96 15.12 -6.69
C GLY A 164 2.30 14.89 -6.06
N TYR A 165 2.37 14.19 -4.92
CA TYR A 165 3.66 13.86 -4.35
C TYR A 165 3.60 12.53 -3.60
N ALA A 166 4.79 11.98 -3.36
CA ALA A 166 4.92 10.64 -2.83
C ALA A 166 6.20 10.54 -2.01
N PHE A 167 6.30 9.45 -1.26
CA PHE A 167 7.47 9.11 -0.47
C PHE A 167 7.82 7.66 -0.75
N CYS A 168 9.12 7.35 -0.74
CA CYS A 168 9.54 5.99 -0.96
C CYS A 168 10.89 5.73 -0.32
N GLU A 169 11.24 4.44 -0.25
CA GLU A 169 12.57 4.00 0.17
C GLU A 169 12.93 2.79 -0.68
N TYR A 170 14.14 2.79 -1.23
CA TYR A 170 14.61 1.67 -2.06
C TYR A 170 15.18 0.57 -1.18
N VAL A 171 15.13 -0.66 -1.73
CA VAL A 171 15.72 -1.80 -1.04
C VAL A 171 17.21 -1.58 -0.81
N ASP A 172 17.91 -1.10 -1.84
CA ASP A 172 19.33 -0.79 -1.79
C ASP A 172 19.47 0.70 -1.55
N ILE A 173 19.98 1.08 -0.36
CA ILE A 173 20.09 2.50 -0.03
C ILE A 173 20.94 3.25 -1.03
N ASN A 174 21.83 2.56 -1.75
CA ASN A 174 22.67 3.22 -2.75
C ASN A 174 21.87 3.70 -3.95
N VAL A 175 20.70 3.12 -4.20
CA VAL A 175 19.88 3.60 -5.31
C VAL A 175 19.33 4.99 -5.02
N THR A 176 19.21 5.36 -3.74
CA THR A 176 18.65 6.65 -3.37
C THR A 176 19.30 7.79 -4.14
N ASP A 177 20.63 7.83 -4.15
CA ASP A 177 21.31 8.92 -4.83
C ASP A 177 21.19 8.81 -6.34
N GLN A 178 21.08 7.58 -6.86
CA GLN A 178 20.88 7.42 -8.29
C GLN A 178 19.51 7.92 -8.73
N ALA A 179 18.48 7.69 -7.89
CA ALA A 179 17.16 8.19 -8.22
C ALA A 179 17.11 9.71 -8.15
N ILE A 180 17.78 10.30 -7.16
CA ILE A 180 17.84 11.75 -7.08
C ILE A 180 18.49 12.32 -8.33
N ALA A 181 19.65 11.79 -8.72
CA ALA A 181 20.36 12.33 -9.87
C ALA A 181 19.54 12.20 -11.14
N GLY A 182 18.80 11.10 -11.28
CA GLY A 182 18.03 10.86 -12.49
C GLY A 182 16.74 11.64 -12.59
N LEU A 183 16.04 11.81 -11.46
CA LEU A 183 14.71 12.37 -11.47
C LEU A 183 14.61 13.80 -10.97
N ASN A 184 15.51 14.23 -10.11
CA ASN A 184 15.38 15.58 -9.56
C ASN A 184 15.45 16.58 -10.72
N GLY A 185 14.48 17.49 -10.75
CA GLY A 185 14.40 18.48 -11.81
C GLY A 185 13.78 18.01 -13.09
N MET A 186 13.50 16.71 -13.24
CA MET A 186 12.99 16.21 -14.52
C MET A 186 11.65 16.84 -14.84
N GLN A 187 11.45 17.18 -16.11
CA GLN A 187 10.23 17.84 -16.54
C GLN A 187 9.18 16.80 -16.91
N LEU A 188 7.99 16.95 -16.35
CA LEU A 188 6.82 16.12 -16.69
C LEU A 188 5.70 17.10 -17.03
N GLY A 189 5.45 17.27 -18.32
CA GLY A 189 4.57 18.36 -18.74
C GLY A 189 5.11 19.67 -18.23
N ASP A 190 4.25 20.48 -17.63
CA ASP A 190 4.65 21.74 -17.05
C ASP A 190 5.26 21.59 -15.66
N LYS A 191 5.18 20.41 -15.08
CA LYS A 191 5.75 20.15 -13.76
C LYS A 191 7.24 19.85 -13.87
N LYS A 192 7.96 20.12 -12.78
CA LYS A 192 9.35 19.71 -12.63
C LYS A 192 9.47 18.95 -11.33
N LEU A 193 9.93 17.71 -11.40
CA LEU A 193 10.00 16.88 -10.21
C LEU A 193 11.01 17.45 -9.22
N LEU A 194 10.67 17.36 -7.94
CA LEU A 194 11.60 17.57 -6.83
C LEU A 194 11.81 16.23 -6.15
N VAL A 195 13.05 15.74 -6.22
CA VAL A 195 13.40 14.45 -5.63
C VAL A 195 14.58 14.70 -4.70
N GLN A 196 14.35 14.52 -3.41
CA GLN A 196 15.36 14.75 -2.40
C GLN A 196 15.01 13.88 -1.20
N ARG A 197 15.99 13.69 -0.31
CA ARG A 197 15.70 13.02 0.95
C ARG A 197 14.62 13.79 1.69
N ALA A 198 13.63 13.07 2.20
CA ALA A 198 12.45 13.71 2.76
C ALA A 198 12.80 14.55 3.99
N SER A 199 13.87 14.20 4.69
CA SER A 199 14.28 14.99 5.86
C SER A 199 14.59 16.43 5.49
N VAL A 200 14.97 16.69 4.24
CA VAL A 200 15.44 18.03 3.87
C VAL A 200 14.31 19.04 3.94
N GLY A 201 13.12 18.67 3.49
CA GLY A 201 12.01 19.61 3.44
C GLY A 201 10.87 19.26 4.37
N ALA A 202 11.13 18.40 5.34
CA ALA A 202 10.08 17.97 6.26
C ALA A 202 9.63 19.14 7.14
N LYS A 203 8.34 19.18 7.43
CA LYS A 203 7.78 20.24 8.27
C LYS A 203 8.33 20.16 9.69
N1 BRU B 6 -8.88 2.91 11.04
C2 BRU B 6 -8.25 1.81 11.66
N3 BRU B 6 -6.96 1.52 11.40
C4 BRU B 6 -6.23 2.25 10.56
C5 BRU B 6 -6.86 3.43 9.88
C6 BRU B 6 -8.19 3.69 10.18
O2 BRU B 6 -8.87 1.09 12.49
O4 BRU B 6 -5.04 1.97 10.36
BR BRU B 6 -5.88 4.53 8.66
C1' BRU B 6 -10.28 3.22 11.33
C2' BRU B 6 -10.44 4.46 12.20
C3' BRU B 6 -11.78 5.02 11.81
C4' BRU B 6 -11.83 4.69 10.33
O3' BRU B 6 -12.77 4.27 12.50
O4' BRU B 6 -11.00 3.53 10.13
C5' BRU B 6 -11.33 5.80 9.39
O5' BRU B 6 -10.20 6.39 9.98
P BRU B 6 -10.07 7.97 10.13
OP1 BRU B 6 -11.35 8.55 10.69
OP2 BRU B 6 -8.78 8.27 10.80
H6 BRU B 6 -8.63 4.45 9.77
H1' BRU B 6 -10.60 2.46 11.82
H2' BRU B 6 -9.73 5.10 12.02
H2'' BRU B 6 -10.45 4.21 13.15
H3' BRU B 6 -11.87 5.97 11.98
H4' BRU B 6 -12.75 4.47 10.11
H5' BRU B 6 -11.10 5.43 8.53
H5'' BRU B 6 -12.03 6.47 9.28
C1 PEG C . -12.01 -7.54 -9.24
O1 PEG C . -12.65 -6.82 -10.30
C2 PEG C . -12.03 -9.05 -9.53
O2 PEG C . -10.94 -9.67 -8.86
C3 PEG C . -11.23 -11.02 -8.46
C4 PEG C . -10.23 -11.98 -9.13
O4 PEG C . -10.61 -13.33 -8.84
H11 PEG C . -12.51 -7.34 -8.30
H12 PEG C . -10.97 -7.20 -9.15
HO1 PEG C . -12.62 -5.88 -10.11
H21 PEG C . -11.95 -9.21 -10.61
H22 PEG C . -12.98 -9.47 -9.19
H31 PEG C . -12.24 -11.28 -8.77
H32 PEG C . -11.16 -11.11 -7.38
H41 PEG C . -9.23 -11.77 -8.76
H42 PEG C . -10.23 -11.82 -10.21
HO4 PEG C . -10.10 -13.93 -9.39
C1 PEG D . -9.83 -18.19 -7.37
O1 PEG D . -10.87 -17.80 -6.45
C2 PEG D . -8.64 -18.72 -6.58
O2 PEG D . -8.25 -20.02 -7.04
C3 PEG D . -6.94 -20.36 -6.58
C4 PEG D . -6.79 -21.87 -6.43
O4 PEG D . -5.48 -22.16 -5.96
H11 PEG D . -9.51 -17.32 -7.95
H12 PEG D . -10.19 -18.95 -8.05
HO1 PEG D . -11.60 -17.41 -6.96
H21 PEG D . -8.89 -18.77 -5.52
H22 PEG D . -7.79 -18.03 -6.68
H31 PEG D . -6.76 -19.87 -5.63
H32 PEG D . -6.21 -19.99 -7.30
H41 PEG D . -6.98 -22.36 -7.38
H42 PEG D . -7.53 -22.24 -5.70
HO4 PEG D . -5.39 -23.12 -5.83
#